data_2RVE
#
_entry.id   2RVE
#
_cell.length_a   68.500
_cell.length_b   79.600
_cell.length_c   66.400
_cell.angle_alpha   90.00
_cell.angle_beta   104.60
_cell.angle_gamma   90.00
#
_symmetry.space_group_name_H-M   'P 1 21 1'
#
loop_
_entity.id
_entity.type
_entity.pdbx_description
1 polymer "DNA (5'-D(*CP*GP*AP*GP*CP*TP*CP*G)-3')"
2 polymer 'PROTEIN (ECO RV (E.C.3.1.21.4))'
3 water water
#
loop_
_entity_poly.entity_id
_entity_poly.type
_entity_poly.pdbx_seq_one_letter_code
_entity_poly.pdbx_strand_id
1 'polydeoxyribonucleotide' (DC)(DG)(DA)(DG)(DC)(DT)(DC)(DG) C,D,E,F
2 'polypeptide(L)'
;SLRSDLINALYDENQKYDVCGIISAEGKIYPLGSDTKVLSTIFELFSRPIINKIAEKHGYIVEEPKQQNHYPDFTLYKPS
EPNKKIAIDIKTTYTNKENEKIKFTLGGYTSFIRNNTKNIVYPFDQYIAHWIIGYVYTRVATRKSSLKTYNINELNEIPK
PYKGVKVFLQDKWVIAGDLAGSGNTTNIGSIHAHYKDFVEGKGIFDSEDEFLDYWRNYERTSQLRNDKYNNISEYRNWIY
RGRK
;
A,B
#
loop_
_chem_comp.id
_chem_comp.type
_chem_comp.name
_chem_comp.formula
DA DNA linking 2'-DEOXYADENOSINE-5'-MONOPHOSPHATE 'C10 H14 N5 O6 P'
DC DNA linking 2'-DEOXYCYTIDINE-5'-MONOPHOSPHATE 'C9 H14 N3 O7 P'
DG DNA linking 2'-DEOXYGUANOSINE-5'-MONOPHOSPHATE 'C10 H14 N5 O7 P'
DT DNA linking THYMIDINE-5'-MONOPHOSPHATE 'C10 H15 N2 O8 P'
#
# COMPACT_ATOMS: atom_id res chain seq x y z
N SER E 1 -8.76 -28.70 17.66
CA SER E 1 -8.72 -27.38 18.28
C SER E 1 -9.29 -26.32 17.35
N LEU E 2 -9.23 -25.06 17.76
CA LEU E 2 -9.70 -24.02 16.88
C LEU E 2 -8.49 -23.69 16.05
N ARG E 3 -7.34 -23.87 16.71
CA ARG E 3 -6.08 -23.62 16.08
C ARG E 3 -5.89 -24.58 14.96
N SER E 4 -6.04 -25.84 15.33
CA SER E 4 -5.89 -26.96 14.43
C SER E 4 -6.75 -26.83 13.18
N ASP E 5 -8.03 -26.53 13.39
CA ASP E 5 -9.00 -26.38 12.32
C ASP E 5 -8.60 -25.25 11.36
N LEU E 6 -8.02 -24.20 11.93
CA LEU E 6 -7.58 -23.05 11.17
C LEU E 6 -6.37 -23.42 10.36
N ILE E 7 -5.40 -23.98 11.03
CA ILE E 7 -4.17 -24.38 10.38
C ILE E 7 -4.46 -25.24 9.17
N ASN E 8 -5.20 -26.31 9.43
CA ASN E 8 -5.57 -27.25 8.40
C ASN E 8 -6.16 -26.57 7.19
N ALA E 9 -7.00 -25.56 7.44
CA ALA E 9 -7.62 -24.83 6.36
C ALA E 9 -6.61 -24.04 5.58
N LEU E 10 -5.72 -23.36 6.31
CA LEU E 10 -4.71 -22.56 5.64
C LEU E 10 -3.85 -23.42 4.75
N TYR E 11 -3.49 -24.60 5.24
CA TYR E 11 -2.69 -25.50 4.44
C TYR E 11 -3.53 -25.99 3.26
N TYR E 17 -3.55 -19.68 -3.09
CA TYR E 17 -3.59 -18.24 -2.92
C TYR E 17 -3.09 -17.53 -4.17
N ASP E 18 -3.72 -17.83 -5.32
CA ASP E 18 -3.36 -17.25 -6.63
C ASP E 18 -4.34 -16.22 -7.21
N VAL E 19 -3.96 -14.95 -7.15
CA VAL E 19 -4.80 -13.89 -7.69
C VAL E 19 -4.46 -13.71 -9.19
N CYS E 20 -5.42 -13.33 -10.01
CA CYS E 20 -5.07 -13.17 -11.41
C CYS E 20 -4.90 -11.73 -11.69
N GLY E 21 -5.86 -10.96 -11.23
CA GLY E 21 -5.83 -9.53 -11.41
C GLY E 21 -7.05 -8.83 -10.84
N ILE E 22 -7.23 -7.59 -11.28
CA ILE E 22 -8.32 -6.73 -10.89
C ILE E 22 -9.42 -6.86 -11.93
N ILE E 23 -10.62 -7.20 -11.51
CA ILE E 23 -11.69 -7.35 -12.46
C ILE E 23 -12.60 -6.14 -12.56
N SER E 24 -13.14 -5.95 -13.74
CA SER E 24 -14.03 -4.86 -14.04
C SER E 24 -15.41 -5.41 -14.29
N ALA E 25 -16.42 -4.71 -13.78
CA ALA E 25 -17.81 -5.11 -13.91
C ALA E 25 -18.20 -5.69 -15.28
N GLU E 26 -17.55 -5.14 -16.32
CA GLU E 26 -17.78 -5.56 -17.68
C GLU E 26 -17.19 -6.93 -17.94
N GLY E 27 -16.60 -7.52 -16.91
CA GLY E 27 -16.00 -8.82 -17.06
C GLY E 27 -14.53 -8.69 -17.44
N LYS E 28 -14.15 -7.51 -17.84
CA LYS E 28 -12.77 -7.25 -18.22
C LYS E 28 -11.82 -7.49 -17.03
N ILE E 29 -10.72 -8.25 -17.23
CA ILE E 29 -9.75 -8.54 -16.15
C ILE E 29 -8.42 -7.83 -16.37
N TYR E 30 -7.88 -7.22 -15.34
CA TYR E 30 -6.62 -6.53 -15.47
C TYR E 30 -5.55 -7.14 -14.60
N PRO E 31 -4.50 -7.72 -15.22
CA PRO E 31 -3.42 -8.31 -14.44
C PRO E 31 -2.85 -7.30 -13.47
N LEU E 32 -2.48 -7.76 -12.29
CA LEU E 32 -1.91 -6.85 -11.36
C LEU E 32 -0.42 -6.79 -11.49
N GLY E 33 0.26 -6.34 -10.50
CA GLY E 33 1.68 -6.26 -10.66
C GLY E 33 2.46 -6.63 -9.44
N SER E 34 3.71 -6.37 -9.57
CA SER E 34 4.73 -6.63 -8.61
C SER E 34 4.87 -5.61 -7.48
N ASP E 35 3.84 -4.80 -7.23
CA ASP E 35 3.89 -3.81 -6.16
C ASP E 35 3.81 -4.57 -4.86
N THR E 36 4.87 -4.51 -4.12
CA THR E 36 4.94 -5.21 -2.88
C THR E 36 3.95 -4.72 -1.85
N LYS E 37 3.19 -3.70 -2.20
CA LYS E 37 2.23 -3.21 -1.25
C LYS E 37 0.82 -3.68 -1.52
N VAL E 38 0.40 -3.66 -2.78
CA VAL E 38 -0.94 -4.13 -3.10
C VAL E 38 -1.15 -5.55 -2.66
N LEU E 39 -0.08 -6.36 -2.80
CA LEU E 39 -0.02 -7.80 -2.45
C LEU E 39 -0.28 -8.09 -1.00
N SER E 40 0.32 -7.33 -0.12
CA SER E 40 0.07 -7.59 1.25
C SER E 40 -1.37 -7.36 1.61
N THR E 41 -2.07 -6.58 0.79
CA THR E 41 -3.47 -6.29 1.02
C THR E 41 -4.28 -7.47 0.57
N ILE E 42 -3.81 -8.12 -0.47
CA ILE E 42 -4.50 -9.28 -1.01
C ILE E 42 -4.54 -10.46 -0.07
N PHE E 43 -3.36 -10.81 0.52
CA PHE E 43 -3.24 -11.92 1.44
C PHE E 43 -4.13 -11.70 2.60
N GLU E 44 -4.70 -10.52 2.68
CA GLU E 44 -5.61 -10.22 3.76
C GLU E 44 -7.06 -10.39 3.35
N LEU E 45 -7.32 -10.25 2.04
CA LEU E 45 -8.66 -10.44 1.51
C LEU E 45 -8.93 -11.92 1.53
N PHE E 46 -7.91 -12.67 1.07
CA PHE E 46 -7.94 -14.12 0.99
C PHE E 46 -8.15 -14.75 2.36
N SER E 47 -7.67 -14.05 3.38
CA SER E 47 -7.79 -14.59 4.73
C SER E 47 -9.14 -14.43 5.45
N ARG E 48 -9.65 -13.21 5.47
CA ARG E 48 -10.90 -12.89 6.12
C ARG E 48 -11.94 -13.93 6.07
N PRO E 49 -12.17 -14.52 4.89
CA PRO E 49 -13.18 -15.55 4.79
C PRO E 49 -12.84 -16.80 5.61
N ILE E 50 -11.63 -17.38 5.36
CA ILE E 50 -11.15 -18.59 6.06
C ILE E 50 -11.33 -18.43 7.58
N ILE E 51 -10.63 -17.42 8.16
CA ILE E 51 -10.70 -17.15 9.60
C ILE E 51 -12.14 -17.04 10.06
N ASN E 52 -12.92 -16.38 9.26
CA ASN E 52 -14.29 -16.20 9.59
C ASN E 52 -15.01 -17.50 9.67
N LYS E 53 -14.87 -18.31 8.63
CA LYS E 53 -15.55 -19.60 8.55
C LYS E 53 -15.19 -20.60 9.61
N ILE E 54 -13.89 -20.71 9.93
CA ILE E 54 -13.45 -21.66 10.92
C ILE E 54 -13.75 -21.24 12.32
N ALA E 55 -13.96 -19.93 12.50
CA ALA E 55 -14.28 -19.42 13.82
C ALA E 55 -15.71 -19.71 14.12
N GLU E 56 -16.58 -19.27 13.24
CA GLU E 56 -18.00 -19.47 13.38
C GLU E 56 -18.35 -20.92 13.66
N LYS E 57 -17.56 -21.82 13.14
CA LYS E 57 -17.81 -23.24 13.35
C LYS E 57 -17.20 -23.72 14.66
N HIS E 58 -17.01 -22.77 15.56
CA HIS E 58 -16.44 -23.02 16.86
C HIS E 58 -17.03 -22.06 17.86
N GLY E 59 -18.16 -21.47 17.46
CA GLY E 59 -18.89 -20.52 18.28
C GLY E 59 -18.02 -19.37 18.77
N TYR E 60 -17.50 -18.59 17.81
CA TYR E 60 -16.66 -17.45 18.09
C TYR E 60 -17.04 -16.26 17.23
N ILE E 61 -17.26 -15.14 17.86
CA ILE E 61 -17.60 -13.96 17.13
C ILE E 61 -16.27 -13.36 16.62
N VAL E 62 -16.27 -12.81 15.39
CA VAL E 62 -15.04 -12.25 14.86
C VAL E 62 -15.11 -10.75 14.68
N GLU E 63 -14.17 -10.03 15.34
CA GLU E 63 -14.09 -8.57 15.31
C GLU E 63 -12.97 -8.01 14.49
N GLU E 64 -13.23 -6.87 13.87
CA GLU E 64 -12.24 -6.17 13.05
C GLU E 64 -12.14 -4.74 13.55
N PRO E 65 -10.97 -4.09 13.44
CA PRO E 65 -10.84 -2.71 13.95
C PRO E 65 -11.62 -1.67 13.15
N LYS E 66 -12.33 -0.79 13.84
CA LYS E 66 -13.09 0.20 13.11
C LYS E 66 -12.17 1.22 12.44
N GLN E 67 -10.87 1.19 12.79
CA GLN E 67 -9.91 2.10 12.24
C GLN E 67 -8.56 1.43 11.91
N GLN E 68 -8.03 1.79 10.75
CA GLN E 68 -6.75 1.28 10.29
C GLN E 68 -5.68 1.57 11.31
N ASN E 69 -4.67 0.77 11.35
CA ASN E 69 -3.59 1.01 12.28
C ASN E 69 -3.87 0.64 13.72
N HIS E 70 -4.65 -0.41 13.92
CA HIS E 70 -4.99 -0.89 15.23
C HIS E 70 -4.84 -2.39 15.30
N TYR E 71 -4.34 -2.88 16.41
CA TYR E 71 -4.14 -4.30 16.55
C TYR E 71 -5.32 -4.99 17.20
N PRO E 72 -5.67 -6.19 16.71
CA PRO E 72 -4.99 -6.80 15.60
C PRO E 72 -5.96 -6.95 14.45
N ASP E 73 -5.52 -7.57 13.36
CA ASP E 73 -6.38 -7.74 12.22
C ASP E 73 -7.69 -8.34 12.55
N PHE E 74 -7.69 -9.39 13.41
CA PHE E 74 -8.92 -10.08 13.80
C PHE E 74 -8.93 -10.49 15.29
N THR E 75 -10.03 -10.12 15.99
CA THR E 75 -10.22 -10.45 17.40
C THR E 75 -11.16 -11.61 17.47
N LEU E 76 -10.80 -12.65 18.21
CA LEU E 76 -11.69 -13.80 18.29
C LEU E 76 -12.12 -14.15 19.70
N TYR E 77 -13.39 -14.50 19.85
CA TYR E 77 -13.86 -14.91 21.14
C TYR E 77 -15.23 -15.56 21.15
N LYS E 78 -15.53 -16.15 22.31
CA LYS E 78 -16.79 -16.82 22.62
C LYS E 78 -17.56 -15.85 23.48
N PRO E 79 -18.57 -15.22 22.89
CA PRO E 79 -19.42 -14.23 23.53
C PRO E 79 -19.61 -14.46 25.02
N SER E 80 -19.74 -15.73 25.35
CA SER E 80 -19.91 -16.17 26.69
C SER E 80 -18.80 -15.69 27.60
N GLU E 81 -17.57 -15.83 27.11
CA GLU E 81 -16.36 -15.45 27.85
C GLU E 81 -15.53 -14.36 27.15
N PRO E 82 -15.40 -13.18 27.82
CA PRO E 82 -14.64 -12.06 27.25
C PRO E 82 -13.20 -11.89 27.70
N ASN E 83 -12.80 -12.42 28.82
CA ASN E 83 -11.41 -12.19 29.14
C ASN E 83 -10.48 -13.25 28.57
N LYS E 84 -10.92 -13.84 27.47
CA LYS E 84 -10.14 -14.88 26.79
C LYS E 84 -10.18 -14.72 25.25
N LYS E 85 -9.63 -13.61 24.76
CA LYS E 85 -9.63 -13.34 23.36
C LYS E 85 -8.43 -13.87 22.63
N ILE E 86 -8.64 -14.10 21.32
CA ILE E 86 -7.64 -14.60 20.39
C ILE E 86 -7.45 -13.56 19.28
N ALA E 87 -6.28 -12.94 19.30
CA ALA E 87 -5.93 -11.94 18.34
C ALA E 87 -5.15 -12.50 17.19
N ILE E 88 -5.70 -12.37 15.95
CA ILE E 88 -5.01 -12.86 14.74
C ILE E 88 -4.56 -11.66 13.93
N ASP E 89 -3.30 -11.70 13.49
CA ASP E 89 -2.65 -10.66 12.72
C ASP E 89 -2.06 -11.22 11.41
N ILE E 90 -2.43 -10.70 10.26
CA ILE E 90 -1.87 -11.21 9.04
C ILE E 90 -0.54 -10.53 8.67
N LYS E 91 0.51 -11.32 8.47
CA LYS E 91 1.84 -10.81 8.09
C LYS E 91 2.25 -11.41 6.74
N THR E 92 2.95 -10.57 5.96
CA THR E 92 3.40 -10.94 4.64
C THR E 92 4.86 -10.62 4.34
N THR E 93 5.47 -11.43 3.52
CA THR E 93 6.85 -11.21 3.14
C THR E 93 7.21 -11.89 1.86
N TYR E 94 8.32 -11.46 1.26
CA TYR E 94 8.71 -12.04 -0.01
C TYR E 94 10.18 -12.38 -0.08
N THR E 95 10.49 -13.22 -1.04
CA THR E 95 11.86 -13.63 -1.26
C THR E 95 12.25 -13.33 -2.70
N ASN E 96 13.53 -13.04 -2.88
CA ASN E 96 14.07 -12.73 -4.19
C ASN E 96 14.45 -14.04 -4.89
N LYS E 97 14.97 -14.98 -4.07
CA LYS E 97 15.38 -16.30 -4.52
C LYS E 97 14.44 -17.30 -3.87
N GLU E 98 14.75 -18.57 -3.82
CA GLU E 98 13.86 -19.52 -3.18
C GLU E 98 14.49 -20.14 -1.94
N ASN E 99 13.70 -20.39 -0.91
CA ASN E 99 14.22 -20.99 0.31
C ASN E 99 15.36 -20.23 0.98
N GLU E 100 15.17 -18.92 1.10
CA GLU E 100 16.13 -18.03 1.75
C GLU E 100 15.66 -17.91 3.16
N LYS E 101 16.37 -17.10 3.95
CA LYS E 101 15.94 -16.88 5.31
C LYS E 101 15.04 -15.66 5.29
N ILE E 102 13.90 -15.81 5.95
CA ILE E 102 12.96 -14.73 6.00
C ILE E 102 12.99 -13.95 7.33
N LYS E 103 12.14 -12.95 7.40
CA LYS E 103 12.05 -12.13 8.58
C LYS E 103 10.86 -11.19 8.48
N PHE E 104 10.09 -11.10 9.53
CA PHE E 104 8.95 -10.21 9.49
C PHE E 104 9.07 -9.02 10.45
N THR E 105 8.01 -8.27 10.53
CA THR E 105 7.92 -7.13 11.40
C THR E 105 6.67 -7.44 12.25
N LEU E 106 6.78 -7.53 13.58
CA LEU E 106 5.59 -7.91 14.36
C LEU E 106 4.95 -6.97 15.32
N GLY E 107 4.91 -5.68 15.02
CA GLY E 107 4.25 -4.77 15.93
C GLY E 107 5.14 -3.73 16.54
N GLY E 108 4.52 -2.92 17.39
CA GLY E 108 5.22 -1.86 18.08
C GLY E 108 5.51 -2.30 19.48
N TYR E 109 6.70 -2.00 19.97
CA TYR E 109 7.09 -2.38 21.31
C TYR E 109 6.87 -1.30 22.35
N THR E 110 6.00 -0.34 22.00
CA THR E 110 5.68 0.77 22.89
C THR E 110 4.19 1.00 23.08
N SER E 111 3.34 0.37 22.28
CA SER E 111 1.91 0.54 22.41
C SER E 111 1.34 -0.19 23.63
N PHE E 112 0.30 -1.03 23.36
CA PHE E 112 -0.40 -1.82 24.36
C PHE E 112 0.56 -2.69 25.16
N ILE E 113 1.57 -3.22 24.48
CA ILE E 113 2.58 -4.05 25.08
C ILE E 113 3.13 -3.38 26.34
N ARG E 114 3.08 -2.04 26.33
CA ARG E 114 3.56 -1.25 27.47
C ARG E 114 2.42 -0.63 28.26
N ASN E 115 1.51 0.09 27.59
CA ASN E 115 0.39 0.75 28.28
C ASN E 115 -0.95 0.04 28.29
N ASN E 116 -1.00 -1.14 27.74
CA ASN E 116 -2.24 -1.88 27.72
C ASN E 116 -3.37 -1.38 26.84
N THR E 117 -3.43 -0.07 26.59
CA THR E 117 -4.51 0.41 25.76
C THR E 117 -4.14 1.09 24.46
N LYS E 118 -2.97 1.69 24.42
CA LYS E 118 -2.58 2.36 23.21
C LYS E 118 -2.60 1.49 21.96
N ASN E 119 -3.39 1.92 20.99
CA ASN E 119 -3.49 1.25 19.73
C ASN E 119 -4.07 -0.18 19.67
N ILE E 120 -4.51 -0.76 20.78
CA ILE E 120 -5.09 -2.10 20.67
C ILE E 120 -6.65 -2.01 20.62
N VAL E 121 -7.34 -2.91 19.89
CA VAL E 121 -8.83 -2.88 19.79
C VAL E 121 -9.51 -3.09 21.14
N TYR E 122 -9.00 -4.07 21.84
CA TYR E 122 -9.46 -4.47 23.14
C TYR E 122 -8.27 -4.46 24.06
N PRO E 123 -8.46 -4.12 25.31
CA PRO E 123 -7.36 -4.07 26.25
C PRO E 123 -6.53 -5.33 26.29
N PHE E 124 -5.27 -5.19 25.87
CA PHE E 124 -4.27 -6.25 25.81
C PHE E 124 -4.41 -7.34 26.86
N ASP E 125 -4.82 -6.95 28.07
CA ASP E 125 -4.98 -7.89 29.17
C ASP E 125 -6.12 -8.87 28.96
N GLN E 126 -7.02 -8.54 28.05
CA GLN E 126 -8.13 -9.43 27.76
C GLN E 126 -7.79 -10.40 26.64
N TYR E 127 -6.56 -10.39 26.17
CA TYR E 127 -6.15 -11.29 25.09
C TYR E 127 -5.28 -12.45 25.57
N ILE E 128 -5.79 -13.70 25.45
CA ILE E 128 -5.05 -14.89 25.87
C ILE E 128 -4.00 -15.38 24.84
N ALA E 129 -4.22 -15.13 23.54
CA ALA E 129 -3.24 -15.59 22.54
C ALA E 129 -3.01 -14.59 21.38
N HIS E 130 -1.83 -14.69 20.78
CA HIS E 130 -1.46 -13.82 19.68
C HIS E 130 -0.88 -14.58 18.48
N TRP E 131 -1.76 -14.94 17.60
CA TRP E 131 -1.37 -15.66 16.45
C TRP E 131 -0.89 -14.80 15.32
N ILE E 132 0.01 -15.39 14.56
CA ILE E 132 0.55 -14.76 13.42
C ILE E 132 0.44 -15.67 12.21
N ILE E 133 -0.38 -15.29 11.25
CA ILE E 133 -0.51 -16.05 10.07
C ILE E 133 0.49 -15.43 9.13
N GLY E 134 1.49 -16.17 8.76
CA GLY E 134 2.48 -15.59 7.86
C GLY E 134 2.36 -16.15 6.47
N TYR E 135 2.72 -15.31 5.51
CA TYR E 135 2.66 -15.71 4.12
C TYR E 135 3.97 -15.34 3.45
N VAL E 136 4.61 -16.30 2.85
CA VAL E 136 5.84 -16.02 2.21
C VAL E 136 5.67 -16.21 0.72
N TYR E 137 6.31 -15.36 -0.06
CA TYR E 137 6.21 -15.49 -1.48
C TYR E 137 7.49 -15.18 -2.13
N THR E 138 7.62 -15.67 -3.35
CA THR E 138 8.83 -15.45 -4.10
C THR E 138 8.53 -14.46 -5.17
N ARG E 139 9.18 -13.29 -5.07
CA ARG E 139 8.99 -12.22 -6.03
C ARG E 139 9.03 -12.74 -7.45
N THR E 149 -5.51 -7.17 -21.68
CA THR E 149 -6.80 -7.39 -21.11
C THR E 149 -7.14 -8.90 -21.11
N TYR E 150 -8.13 -9.32 -20.32
CA TYR E 150 -8.48 -10.74 -20.31
C TYR E 150 -9.95 -11.00 -19.97
N ASN E 151 -10.41 -12.21 -20.38
CA ASN E 151 -11.77 -12.72 -20.20
C ASN E 151 -11.77 -13.93 -19.28
N ILE E 152 -12.89 -14.17 -18.59
CA ILE E 152 -13.02 -15.29 -17.65
C ILE E 152 -12.42 -16.60 -18.11
N ASN E 153 -12.29 -16.76 -19.40
CA ASN E 153 -11.73 -17.98 -19.94
C ASN E 153 -10.22 -18.03 -19.81
N GLU E 154 -9.54 -16.94 -20.16
CA GLU E 154 -8.09 -16.82 -20.13
C GLU E 154 -7.39 -16.82 -18.76
N LEU E 155 -8.12 -17.00 -17.66
CA LEU E 155 -7.53 -17.02 -16.30
C LEU E 155 -6.22 -17.77 -16.22
N ASN E 156 -6.07 -18.78 -17.02
CA ASN E 156 -4.85 -19.52 -16.96
C ASN E 156 -3.74 -18.88 -17.76
N GLU E 157 -4.04 -17.74 -18.35
CA GLU E 157 -3.04 -17.03 -19.17
C GLU E 157 -2.47 -15.80 -18.51
N ILE E 158 -3.12 -15.35 -17.45
CA ILE E 158 -2.63 -14.20 -16.75
C ILE E 158 -1.41 -14.59 -15.98
N PRO E 159 -0.26 -14.10 -16.43
CA PRO E 159 0.98 -14.39 -15.77
C PRO E 159 0.92 -13.80 -14.39
N LYS E 160 1.12 -14.62 -13.36
CA LYS E 160 1.05 -14.14 -12.00
C LYS E 160 2.16 -13.20 -11.62
N PRO E 161 1.99 -12.48 -10.51
CA PRO E 161 2.97 -11.51 -10.04
C PRO E 161 3.89 -12.02 -8.95
N TYR E 162 3.90 -13.29 -8.76
CA TYR E 162 4.71 -13.88 -7.75
C TYR E 162 4.39 -15.33 -7.71
N LYS E 163 5.32 -16.13 -7.25
CA LYS E 163 5.03 -17.53 -7.22
C LYS E 163 5.47 -18.25 -5.98
N GLY E 164 4.86 -19.40 -5.80
CA GLY E 164 5.13 -20.27 -4.71
C GLY E 164 4.98 -19.66 -3.36
N VAL E 165 3.73 -19.57 -2.94
CA VAL E 165 3.35 -19.03 -1.64
C VAL E 165 3.39 -20.12 -0.55
N LYS E 166 3.67 -19.68 0.68
CA LYS E 166 3.75 -20.55 1.83
C LYS E 166 2.91 -19.97 2.98
N VAL E 167 2.43 -20.83 3.88
CA VAL E 167 1.61 -20.37 4.98
C VAL E 167 2.03 -20.97 6.32
N PHE E 168 1.71 -20.27 7.40
CA PHE E 168 2.03 -20.75 8.72
C PHE E 168 1.30 -20.01 9.79
N LEU E 169 0.71 -20.76 10.70
CA LEU E 169 0.02 -20.18 11.83
C LEU E 169 1.02 -20.30 12.94
N GLN E 170 1.16 -19.32 13.81
CA GLN E 170 2.16 -19.45 14.85
C GLN E 170 1.96 -18.45 15.93
N ASP E 171 2.53 -18.70 17.11
CA ASP E 171 2.41 -17.75 18.21
C ASP E 171 3.40 -16.61 18.05
N LYS E 172 2.90 -15.37 18.19
CA LYS E 172 3.73 -14.20 18.04
C LYS E 172 4.99 -14.27 18.91
N TRP E 173 4.85 -14.66 20.16
CA TRP E 173 6.02 -14.70 21.00
C TRP E 173 6.99 -15.73 20.64
N VAL E 174 6.58 -16.71 19.89
CA VAL E 174 7.48 -17.80 19.49
C VAL E 174 8.39 -17.37 18.36
N ILE E 175 7.76 -16.70 17.41
CA ILE E 175 8.35 -16.18 16.21
C ILE E 175 9.19 -14.89 16.44
N ALA E 176 8.87 -14.14 17.56
CA ALA E 176 9.52 -12.84 18.00
C ALA E 176 11.04 -12.84 18.11
N GLY E 177 11.66 -11.78 17.63
CA GLY E 177 13.09 -11.68 17.68
C GLY E 177 13.56 -10.83 18.86
N ASP E 178 14.78 -10.35 18.77
CA ASP E 178 15.32 -9.55 19.82
C ASP E 178 15.77 -8.23 19.25
N LEU E 179 15.92 -8.18 17.94
CA LEU E 179 16.30 -6.95 17.28
C LEU E 179 15.06 -6.19 16.94
N ALA E 180 15.23 -4.97 16.51
CA ALA E 180 14.06 -4.21 16.18
C ALA E 180 14.05 -3.80 14.71
N GLY E 181 12.96 -4.16 14.05
CA GLY E 181 12.64 -3.92 12.64
C GLY E 181 13.71 -3.25 11.81
N SER E 182 13.92 -1.97 12.12
CA SER E 182 14.89 -1.14 11.45
C SER E 182 15.28 0.05 12.30
N THR E 186 9.86 1.99 15.88
CA THR E 186 9.59 1.28 17.10
C THR E 186 8.89 -0.05 16.96
N ASN E 187 9.20 -0.79 15.90
CA ASN E 187 8.56 -2.07 15.72
C ASN E 187 9.47 -3.26 16.01
N ILE E 188 8.85 -4.35 16.39
CA ILE E 188 9.54 -5.58 16.71
C ILE E 188 9.89 -6.39 15.46
N GLY E 189 11.04 -7.02 15.47
CA GLY E 189 11.40 -7.82 14.35
C GLY E 189 11.23 -9.27 14.72
N SER E 190 10.88 -10.12 13.76
CA SER E 190 10.75 -11.55 14.05
C SER E 190 12.13 -12.19 13.98
N ILE E 191 12.20 -13.48 14.14
CA ILE E 191 13.54 -14.06 14.03
C ILE E 191 13.93 -13.93 12.57
N HIS E 192 15.17 -14.20 12.24
CA HIS E 192 15.56 -14.10 10.84
C HIS E 192 15.90 -15.50 10.36
N ALA E 193 14.86 -16.34 10.21
CA ALA E 193 15.04 -17.71 9.80
C ALA E 193 14.40 -18.15 8.50
N HIS E 194 14.43 -19.48 8.37
CA HIS E 194 13.90 -20.22 7.26
C HIS E 194 12.45 -20.56 7.55
N TYR E 195 11.70 -20.76 6.50
CA TYR E 195 10.30 -21.07 6.63
C TYR E 195 9.98 -22.21 7.60
N LYS E 196 10.86 -23.20 7.65
CA LYS E 196 10.68 -24.37 8.52
C LYS E 196 10.68 -24.04 10.01
N ASP E 197 11.64 -23.17 10.39
CA ASP E 197 11.85 -22.70 11.74
C ASP E 197 10.66 -21.94 12.29
N PHE E 198 9.92 -21.31 11.39
CA PHE E 198 8.74 -20.57 11.79
C PHE E 198 7.60 -21.52 12.17
N VAL E 199 7.30 -22.46 11.28
CA VAL E 199 6.25 -23.43 11.49
C VAL E 199 6.44 -24.23 12.76
N GLU E 200 7.64 -24.81 12.88
CA GLU E 200 7.99 -25.62 14.04
C GLU E 200 7.93 -24.78 15.34
N GLY E 201 8.54 -23.58 15.30
CA GLY E 201 8.54 -22.72 16.46
C GLY E 201 9.91 -22.69 17.10
N LYS E 202 10.90 -22.71 16.26
CA LYS E 202 12.29 -22.68 16.67
C LYS E 202 12.69 -21.25 16.81
N GLY E 203 12.22 -20.64 17.89
CA GLY E 203 12.45 -19.23 18.24
C GLY E 203 13.68 -18.94 19.09
N ILE E 204 13.58 -17.85 19.83
CA ILE E 204 14.64 -17.37 20.69
C ILE E 204 14.23 -17.25 22.16
N PHE E 205 13.05 -16.69 22.41
CA PHE E 205 12.58 -16.51 23.79
C PHE E 205 12.31 -17.80 24.44
N ASP E 206 12.55 -17.86 25.74
CA ASP E 206 12.29 -19.07 26.48
C ASP E 206 10.85 -19.08 26.95
N SER E 207 10.13 -18.01 26.61
CA SER E 207 8.74 -17.90 27.00
C SER E 207 8.07 -16.57 26.60
N GLU E 208 6.75 -16.54 26.78
CA GLU E 208 5.93 -15.37 26.49
C GLU E 208 6.27 -14.31 27.52
N ASP E 209 6.39 -14.77 28.76
CA ASP E 209 6.73 -13.89 29.85
C ASP E 209 8.05 -13.23 29.50
N GLU E 210 9.04 -14.06 29.13
CA GLU E 210 10.32 -13.57 28.77
C GLU E 210 10.22 -12.65 27.55
N PHE E 211 9.32 -12.98 26.62
CA PHE E 211 9.14 -12.16 25.43
C PHE E 211 8.68 -10.81 25.86
N LEU E 212 7.59 -10.81 26.62
CA LEU E 212 7.03 -9.59 27.12
C LEU E 212 8.09 -8.74 27.81
N ASP E 213 8.63 -9.27 28.88
CA ASP E 213 9.63 -8.58 29.64
C ASP E 213 10.73 -8.01 28.78
N TYR E 214 11.27 -8.82 27.91
CA TYR E 214 12.32 -8.38 27.05
C TYR E 214 11.91 -7.15 26.28
N TRP E 215 10.77 -7.24 25.57
CA TRP E 215 10.25 -6.15 24.76
C TRP E 215 9.66 -4.96 25.50
N ARG E 216 9.39 -5.15 26.78
CA ARG E 216 8.84 -4.10 27.58
C ARG E 216 9.96 -3.20 28.03
N ASN E 217 11.15 -3.79 28.21
CA ASN E 217 12.29 -3.00 28.63
C ASN E 217 13.33 -2.78 27.53
N TYR E 218 12.86 -2.69 26.30
CA TYR E 218 13.79 -2.44 25.22
C TYR E 218 13.94 -0.96 25.12
N GLU E 219 15.19 -0.47 25.17
CA GLU E 219 15.45 0.97 25.09
C GLU E 219 15.53 1.47 23.67
N TYR E 229 21.21 -4.26 28.05
CA TYR E 229 20.69 -5.01 26.92
C TYR E 229 20.43 -4.47 25.53
N ASN E 230 20.97 -5.25 24.58
CA ASN E 230 20.87 -5.01 23.15
C ASN E 230 20.45 -6.29 22.39
N ASN E 231 20.31 -7.40 23.12
CA ASN E 231 19.90 -8.69 22.57
C ASN E 231 19.60 -9.69 23.68
N ILE E 232 18.92 -10.77 23.32
CA ILE E 232 18.53 -11.81 24.27
C ILE E 232 19.64 -12.37 25.14
N SER E 233 20.87 -12.43 24.64
CA SER E 233 21.92 -12.96 25.50
C SER E 233 22.28 -11.94 26.57
N GLU E 234 22.54 -10.70 26.09
CA GLU E 234 22.87 -9.53 26.93
C GLU E 234 21.73 -9.25 27.93
N TYR E 235 20.55 -9.82 27.64
CA TYR E 235 19.36 -9.66 28.48
C TYR E 235 19.34 -10.61 29.68
N ARG E 236 19.65 -11.87 29.39
CA ARG E 236 19.68 -12.90 30.42
C ARG E 236 20.70 -12.53 31.47
N ASN E 237 21.86 -12.07 30.97
CA ASN E 237 22.94 -11.62 31.82
C ASN E 237 22.40 -10.49 32.70
N TRP E 238 21.69 -9.57 32.04
CA TRP E 238 21.04 -8.43 32.66
C TRP E 238 20.11 -8.83 33.79
N ILE E 239 20.06 -10.12 34.11
CA ILE E 239 19.19 -10.61 35.18
C ILE E 239 20.04 -11.19 36.33
N SER F 1 -2.77 18.10 -30.45
CA SER F 1 -2.41 18.42 -29.08
C SER F 1 -2.30 17.18 -28.21
N LEU F 2 -1.07 16.73 -27.97
CA LEU F 2 -0.85 15.55 -27.15
C LEU F 2 -1.62 15.61 -25.82
N ARG F 3 -1.85 16.81 -25.29
CA ARG F 3 -2.57 16.88 -24.00
C ARG F 3 -4.02 17.16 -24.14
N SER F 4 -4.37 17.81 -25.25
CA SER F 4 -5.73 18.13 -25.50
C SER F 4 -6.49 16.85 -25.77
N ASP F 5 -5.79 15.91 -26.41
CA ASP F 5 -6.28 14.61 -26.77
C ASP F 5 -6.31 13.75 -25.54
N LEU F 6 -5.21 13.85 -24.80
CA LEU F 6 -5.01 13.11 -23.56
C LEU F 6 -6.04 13.51 -22.52
N ILE F 7 -6.42 14.81 -22.57
CA ILE F 7 -7.40 15.32 -21.64
C ILE F 7 -8.76 14.81 -22.03
N ASN F 8 -9.05 14.84 -23.34
CA ASN F 8 -10.33 14.39 -23.87
C ASN F 8 -10.60 12.94 -23.56
N ALA F 9 -9.58 12.12 -23.73
CA ALA F 9 -9.70 10.71 -23.46
C ALA F 9 -10.18 10.54 -22.02
N LEU F 10 -9.40 11.07 -21.08
CA LEU F 10 -9.74 11.01 -19.68
C LEU F 10 -11.16 11.44 -19.35
N TYR F 11 -11.49 12.68 -19.72
CA TYR F 11 -12.79 13.28 -19.49
C TYR F 11 -13.95 12.48 -20.02
N VAL F 19 -14.23 -0.43 -11.56
CA VAL F 19 -13.46 -1.58 -11.13
C VAL F 19 -14.10 -2.02 -9.82
N CYS F 20 -14.54 -3.30 -9.77
CA CYS F 20 -15.23 -3.81 -8.57
C CYS F 20 -14.77 -5.10 -7.91
N GLY F 21 -13.47 -5.39 -7.86
CA GLY F 21 -13.04 -6.61 -7.20
C GLY F 21 -11.72 -7.19 -7.68
N ILE F 22 -11.29 -8.20 -6.95
CA ILE F 22 -10.06 -8.91 -7.24
C ILE F 22 -10.43 -10.34 -7.57
N ILE F 23 -9.99 -10.85 -8.72
CA ILE F 23 -10.36 -12.19 -9.07
C ILE F 23 -9.29 -13.21 -8.76
N SER F 24 -9.70 -14.31 -8.13
CA SER F 24 -8.75 -15.39 -7.76
C SER F 24 -8.64 -16.36 -8.90
N ALA F 25 -7.59 -17.17 -8.85
CA ALA F 25 -7.37 -18.17 -9.90
C ALA F 25 -8.54 -19.14 -9.95
N GLU F 26 -9.08 -19.40 -8.77
CA GLU F 26 -10.20 -20.28 -8.65
C GLU F 26 -11.31 -19.73 -9.50
N GLY F 27 -11.29 -18.42 -9.62
CA GLY F 27 -12.26 -17.67 -10.38
C GLY F 27 -13.28 -16.97 -9.47
N LYS F 28 -12.94 -16.94 -8.15
CA LYS F 28 -13.81 -16.33 -7.17
C LYS F 28 -13.38 -14.93 -6.91
N ILE F 29 -14.37 -14.04 -6.95
CA ILE F 29 -14.18 -12.63 -6.79
C ILE F 29 -14.28 -12.06 -5.37
N TYR F 30 -13.16 -11.51 -4.89
CA TYR F 30 -13.14 -10.88 -3.57
C TYR F 30 -13.34 -9.40 -3.79
N PRO F 31 -14.13 -8.75 -2.93
CA PRO F 31 -14.42 -7.31 -3.07
C PRO F 31 -13.33 -6.34 -2.59
N LEU F 32 -13.37 -5.13 -3.12
CA LEU F 32 -12.38 -4.13 -2.77
C LEU F 32 -12.69 -3.53 -1.40
N GLY F 33 -11.64 -3.23 -0.65
CA GLY F 33 -11.84 -2.61 0.65
C GLY F 33 -11.84 -1.10 0.45
N SER F 34 -11.36 -0.36 1.44
CA SER F 34 -11.32 1.06 1.32
C SER F 34 -9.86 1.55 1.21
N ASP F 35 -8.96 0.59 1.45
CA ASP F 35 -7.53 0.75 1.43
C ASP F 35 -7.03 1.52 0.23
N THR F 36 -6.50 2.69 0.50
CA THR F 36 -6.00 3.55 -0.51
C THR F 36 -5.04 2.90 -1.44
N LYS F 37 -4.06 2.20 -0.86
CA LYS F 37 -3.01 1.49 -1.60
C LYS F 37 -3.47 0.89 -2.91
N VAL F 38 -4.53 0.09 -2.81
CA VAL F 38 -5.12 -0.56 -3.94
C VAL F 38 -5.89 0.42 -4.76
N LEU F 39 -6.70 1.25 -4.08
CA LEU F 39 -7.49 2.23 -4.79
C LEU F 39 -6.70 3.06 -5.78
N SER F 40 -5.57 3.63 -5.36
CA SER F 40 -4.79 4.38 -6.33
C SER F 40 -4.33 3.44 -7.44
N THR F 41 -3.76 2.31 -7.02
CA THR F 41 -3.28 1.29 -7.94
C THR F 41 -4.28 0.99 -9.07
N ILE F 42 -5.51 0.98 -8.69
CA ILE F 42 -6.57 0.73 -9.61
C ILE F 42 -6.63 1.86 -10.61
N PHE F 43 -6.36 3.09 -10.12
CA PHE F 43 -6.38 4.26 -11.00
C PHE F 43 -5.24 4.21 -12.02
N GLU F 44 -4.12 3.60 -11.62
CA GLU F 44 -2.98 3.45 -12.50
C GLU F 44 -3.49 2.63 -13.69
N LEU F 45 -4.03 1.49 -13.33
CA LEU F 45 -4.58 0.54 -14.24
C LEU F 45 -5.47 1.21 -15.28
N PHE F 46 -6.52 1.93 -14.86
CA PHE F 46 -7.40 2.57 -15.81
C PHE F 46 -6.68 3.44 -16.81
N SER F 47 -5.72 4.22 -16.28
CA SER F 47 -4.93 5.18 -17.02
C SER F 47 -3.96 4.66 -18.09
N ARG F 48 -3.19 3.65 -17.72
CA ARG F 48 -2.19 3.06 -18.58
C ARG F 48 -2.60 2.90 -20.03
N PRO F 49 -3.81 2.42 -20.23
CA PRO F 49 -4.35 2.20 -21.56
C PRO F 49 -4.53 3.49 -22.29
N ILE F 50 -5.07 4.45 -21.60
CA ILE F 50 -5.30 5.74 -22.19
C ILE F 50 -4.02 6.37 -22.64
N ILE F 51 -3.07 6.58 -21.70
CA ILE F 51 -1.78 7.19 -22.00
C ILE F 51 -1.17 6.53 -23.19
N ASN F 52 -1.00 5.23 -23.06
CA ASN F 52 -0.45 4.45 -24.10
C ASN F 52 -1.15 4.67 -25.44
N LYS F 53 -2.45 4.80 -25.42
CA LYS F 53 -3.12 5.01 -26.67
C LYS F 53 -2.72 6.34 -27.23
N ILE F 54 -3.11 7.37 -26.53
CA ILE F 54 -2.83 8.71 -26.92
C ILE F 54 -1.37 8.90 -27.33
N ALA F 55 -0.50 8.27 -26.62
CA ALA F 55 0.90 8.40 -26.94
C ALA F 55 1.25 7.84 -28.33
N GLU F 56 0.76 6.62 -28.60
CA GLU F 56 1.01 5.97 -29.85
C GLU F 56 0.52 6.84 -30.99
N LYS F 57 -0.73 7.28 -30.88
CA LYS F 57 -1.36 8.11 -31.88
C LYS F 57 -0.55 9.31 -32.26
N HIS F 58 0.36 9.72 -31.39
CA HIS F 58 1.18 10.87 -31.69
C HIS F 58 2.59 10.42 -31.90
N GLY F 59 2.72 9.15 -32.06
CA GLY F 59 4.04 8.60 -32.28
C GLY F 59 4.98 8.86 -31.14
N TYR F 60 4.56 8.57 -29.93
CA TYR F 60 5.38 8.77 -28.75
C TYR F 60 5.68 7.43 -28.09
N ILE F 61 6.85 7.28 -27.51
CA ILE F 61 7.18 6.03 -26.85
C ILE F 61 6.84 6.13 -25.34
N VAL F 62 6.11 5.17 -24.74
CA VAL F 62 5.80 5.27 -23.30
C VAL F 62 6.75 4.42 -22.39
N GLU F 63 7.17 4.95 -21.22
CA GLU F 63 8.08 4.15 -20.39
C GLU F 63 7.80 4.17 -18.87
N GLU F 64 7.36 3.02 -18.33
CA GLU F 64 7.10 2.89 -16.91
C GLU F 64 8.41 2.56 -16.21
N PRO F 65 8.54 2.87 -14.93
CA PRO F 65 9.81 2.55 -14.26
C PRO F 65 10.03 1.07 -14.10
N LYS F 66 11.33 0.67 -14.04
CA LYS F 66 11.72 -0.72 -13.87
C LYS F 66 11.71 -1.02 -12.40
N GLN F 67 12.26 -0.07 -11.67
CA GLN F 67 12.42 -0.13 -10.24
C GLN F 67 11.28 0.56 -9.50
N GLN F 68 11.03 0.07 -8.29
CA GLN F 68 10.02 0.62 -7.42
C GLN F 68 10.57 1.89 -6.79
N ASN F 69 9.71 2.88 -6.56
CA ASN F 69 10.19 4.11 -5.93
C ASN F 69 11.02 4.98 -6.86
N HIS F 70 10.52 5.16 -8.07
CA HIS F 70 11.17 5.96 -9.10
C HIS F 70 10.14 6.81 -9.85
N TYR F 71 10.42 8.13 -9.94
CA TYR F 71 9.56 9.07 -10.65
C TYR F 71 10.05 9.13 -12.10
N PRO F 72 9.15 9.19 -13.10
CA PRO F 72 7.72 9.25 -12.96
C PRO F 72 6.95 7.96 -13.27
N ASP F 73 5.64 8.11 -13.26
CA ASP F 73 4.79 7.03 -13.54
C ASP F 73 4.94 6.56 -14.98
N PHE F 74 4.86 7.49 -15.95
CA PHE F 74 5.01 7.19 -17.38
C PHE F 74 5.94 8.17 -18.11
N THR F 75 6.90 7.66 -18.88
CA THR F 75 7.79 8.56 -19.60
C THR F 75 7.43 8.55 -21.06
N LEU F 76 7.28 9.72 -21.63
CA LEU F 76 6.98 9.89 -23.02
C LEU F 76 8.14 10.59 -23.69
N TYR F 77 8.46 10.15 -24.89
CA TYR F 77 9.53 10.74 -25.68
C TYR F 77 9.63 10.01 -27.00
N LYS F 78 9.87 10.80 -28.09
CA LYS F 78 10.00 10.26 -29.44
C LYS F 78 11.40 9.78 -29.69
N PRO F 79 11.46 8.68 -30.43
CA PRO F 79 12.70 8.05 -30.79
C PRO F 79 13.78 9.03 -31.28
N SER F 80 13.37 10.07 -31.97
CA SER F 80 14.28 11.06 -32.49
C SER F 80 14.70 12.17 -31.54
N GLU F 81 13.72 12.64 -30.76
CA GLU F 81 13.94 13.73 -29.82
C GLU F 81 13.99 13.30 -28.34
N PRO F 82 15.02 12.55 -28.02
CA PRO F 82 15.24 12.04 -26.70
C PRO F 82 15.38 13.10 -25.58
N ASN F 83 15.94 14.27 -25.87
CA ASN F 83 16.11 15.29 -24.83
C ASN F 83 14.85 16.11 -24.46
N LYS F 84 13.72 15.82 -25.11
CA LYS F 84 12.47 16.51 -24.83
C LYS F 84 11.40 15.54 -24.32
N LYS F 85 11.63 14.93 -23.18
CA LYS F 85 10.67 14.00 -22.67
C LYS F 85 9.56 14.65 -21.83
N ILE F 86 8.47 13.90 -21.70
CA ILE F 86 7.35 14.32 -20.95
C ILE F 86 7.07 13.26 -19.88
N ALA F 87 6.99 13.71 -18.64
CA ALA F 87 6.72 12.86 -17.50
C ALA F 87 5.30 13.06 -17.02
N ILE F 88 4.57 11.96 -16.81
CA ILE F 88 3.18 11.97 -16.32
C ILE F 88 3.11 11.13 -15.06
N ASP F 89 2.56 11.69 -13.98
CA ASP F 89 2.41 11.00 -12.69
C ASP F 89 0.94 10.79 -12.36
N ILE F 90 0.57 9.68 -11.84
CA ILE F 90 -0.84 9.49 -11.50
C ILE F 90 -1.06 9.75 -10.01
N LYS F 91 -1.95 10.73 -9.65
CA LYS F 91 -2.22 11.04 -8.23
C LYS F 91 -3.67 10.83 -7.82
N THR F 92 -3.86 10.25 -6.64
CA THR F 92 -5.22 10.00 -6.18
C THR F 92 -5.44 10.59 -4.81
N THR F 93 -6.69 10.99 -4.57
CA THR F 93 -7.14 11.54 -3.31
C THR F 93 -8.60 11.22 -3.19
N TYR F 94 -9.20 11.39 -1.99
CA TYR F 94 -10.63 11.06 -1.78
C TYR F 94 -11.37 12.07 -0.95
N THR F 95 -12.65 12.22 -1.22
CA THR F 95 -13.46 13.13 -0.46
C THR F 95 -14.49 12.36 0.37
N ASN F 96 -14.62 12.73 1.67
CA ASN F 96 -15.60 12.11 2.58
C ASN F 96 -17.02 12.48 2.21
N LYS F 97 -17.10 13.59 1.52
CA LYS F 97 -18.33 14.15 1.04
C LYS F 97 -18.00 15.07 -0.11
N GLU F 98 -18.82 15.04 -1.15
CA GLU F 98 -18.65 15.82 -2.38
C GLU F 98 -18.44 17.33 -2.24
N ASN F 99 -17.52 17.83 -3.08
CA ASN F 99 -17.13 19.25 -3.13
C ASN F 99 -16.13 19.69 -2.03
N GLU F 100 -15.57 18.69 -1.36
CA GLU F 100 -14.61 18.94 -0.33
C GLU F 100 -13.30 19.51 -0.87
N LYS F 101 -12.69 20.36 -0.05
CA LYS F 101 -11.42 20.99 -0.38
C LYS F 101 -10.33 19.95 -0.37
N ILE F 102 -9.99 19.47 -1.60
CA ILE F 102 -8.96 18.44 -1.83
C ILE F 102 -7.52 18.93 -1.84
N LYS F 103 -6.65 17.98 -1.81
CA LYS F 103 -5.26 18.23 -1.84
C LYS F 103 -4.46 16.96 -2.09
N PHE F 104 -3.46 17.05 -2.98
CA PHE F 104 -2.60 15.92 -3.30
C PHE F 104 -1.20 16.18 -2.84
N THR F 105 -0.40 15.12 -2.86
CA THR F 105 1.00 15.13 -2.49
C THR F 105 1.76 14.99 -3.81
N LEU F 106 2.76 15.81 -4.10
CA LEU F 106 3.37 15.63 -5.42
C LEU F 106 4.81 15.20 -5.49
N GLY F 107 5.17 14.11 -4.86
CA GLY F 107 6.55 13.72 -4.97
C GLY F 107 7.39 14.47 -3.97
N GLY F 108 8.69 14.28 -4.02
CA GLY F 108 9.57 14.92 -3.05
C GLY F 108 10.39 16.08 -3.55
N TYR F 109 10.87 16.86 -2.58
CA TYR F 109 11.67 18.02 -2.82
C TYR F 109 13.16 17.82 -2.66
N THR F 110 13.59 16.59 -2.42
CA THR F 110 15.02 16.40 -2.27
C THR F 110 15.69 15.52 -3.30
N SER F 111 14.95 14.81 -4.15
CA SER F 111 15.62 13.96 -5.12
C SER F 111 15.94 14.66 -6.42
N PHE F 112 15.38 14.13 -7.51
CA PHE F 112 15.58 14.69 -8.84
C PHE F 112 15.45 16.21 -8.91
N ILE F 113 14.69 16.84 -8.04
CA ILE F 113 14.56 18.28 -8.10
C ILE F 113 15.91 18.96 -7.84
N ARG F 114 16.61 18.42 -6.85
CA ARG F 114 17.91 18.92 -6.47
C ARG F 114 19.04 18.15 -7.09
N ASN F 115 19.01 16.86 -6.84
CA ASN F 115 19.97 15.89 -7.30
C ASN F 115 20.19 15.85 -8.80
N ASN F 116 19.10 15.72 -9.53
CA ASN F 116 19.05 15.66 -10.99
C ASN F 116 18.92 14.25 -11.51
N THR F 117 19.51 13.32 -10.77
CA THR F 117 19.42 11.95 -11.18
C THR F 117 18.76 11.04 -10.15
N LYS F 118 18.83 11.41 -8.86
CA LYS F 118 18.23 10.61 -7.80
C LYS F 118 16.72 10.40 -7.87
N ASN F 119 16.37 9.15 -7.90
CA ASN F 119 15.03 8.69 -7.97
C ASN F 119 14.29 9.00 -9.24
N ILE F 120 15.01 9.35 -10.26
CA ILE F 120 14.37 9.63 -11.51
C ILE F 120 14.79 8.61 -12.55
N VAL F 121 13.83 8.17 -13.33
CA VAL F 121 14.09 7.19 -14.34
C VAL F 121 15.17 7.61 -15.31
N TYR F 122 15.04 8.85 -15.81
CA TYR F 122 15.98 9.52 -16.73
C TYR F 122 16.37 10.83 -16.04
N PRO F 123 17.62 11.33 -16.22
CA PRO F 123 18.04 12.58 -15.58
C PRO F 123 17.03 13.70 -15.73
N PHE F 124 16.75 14.37 -14.62
CA PHE F 124 15.79 15.45 -14.57
C PHE F 124 15.82 16.41 -15.73
N ASP F 125 17.03 16.79 -16.17
CA ASP F 125 17.23 17.75 -17.26
C ASP F 125 16.84 17.35 -18.71
N GLN F 126 16.09 16.24 -18.90
CA GLN F 126 15.67 15.81 -20.23
C GLN F 126 14.16 15.90 -20.36
N TYR F 127 13.55 16.34 -19.27
CA TYR F 127 12.12 16.49 -19.22
C TYR F 127 11.72 17.91 -19.53
N ILE F 128 10.85 18.09 -20.51
CA ILE F 128 10.41 19.39 -20.89
C ILE F 128 9.07 19.73 -20.25
N ALA F 129 8.37 18.71 -19.81
CA ALA F 129 7.10 18.92 -19.18
C ALA F 129 6.88 17.95 -18.03
N HIS F 130 6.03 18.30 -17.08
CA HIS F 130 5.76 17.41 -15.98
C HIS F 130 4.30 17.45 -15.60
N TRP F 131 3.57 16.56 -16.22
CA TRP F 131 2.18 16.45 -16.01
C TRP F 131 1.77 15.70 -14.79
N ILE F 132 0.46 15.77 -14.60
CA ILE F 132 -0.18 15.13 -13.52
C ILE F 132 -1.62 14.91 -13.80
N ILE F 133 -2.01 13.66 -13.64
CA ILE F 133 -3.35 13.23 -13.81
C ILE F 133 -3.78 12.98 -12.39
N GLY F 134 -4.97 13.38 -12.04
CA GLY F 134 -5.38 13.18 -10.70
C GLY F 134 -6.76 12.68 -10.63
N TYR F 135 -6.96 11.71 -9.79
CA TYR F 135 -8.26 11.15 -9.61
C TYR F 135 -8.77 11.47 -8.23
N VAL F 136 -10.02 11.89 -8.19
CA VAL F 136 -10.76 12.26 -7.00
C VAL F 136 -12.03 11.42 -6.97
N TYR F 137 -12.20 10.64 -5.94
CA TYR F 137 -13.39 9.83 -5.87
C TYR F 137 -14.08 10.10 -4.53
N THR F 138 -15.37 9.72 -4.44
CA THR F 138 -16.11 9.92 -3.18
C THR F 138 -16.16 8.65 -2.39
N ARG F 139 -15.33 8.59 -1.37
CA ARG F 139 -15.17 7.48 -0.44
C ARG F 139 -16.46 7.02 0.26
N THR F 149 -17.91 -12.98 -0.73
CA THR F 149 -17.12 -13.40 -1.87
C THR F 149 -18.13 -13.53 -2.98
N TYR F 150 -17.76 -13.22 -4.20
CA TYR F 150 -18.75 -13.32 -5.24
C TYR F 150 -18.28 -14.18 -6.41
N ASN F 151 -19.17 -14.36 -7.37
CA ASN F 151 -18.85 -15.12 -8.57
C ASN F 151 -19.16 -14.35 -9.84
N ILE F 152 -18.46 -14.71 -10.89
CA ILE F 152 -18.59 -14.12 -12.21
C ILE F 152 -20.03 -13.91 -12.57
N ASN F 153 -20.86 -14.75 -12.05
CA ASN F 153 -22.24 -14.62 -12.37
C ASN F 153 -22.90 -13.40 -11.74
N GLU F 154 -22.44 -12.99 -10.57
CA GLU F 154 -23.03 -11.86 -9.89
C GLU F 154 -22.13 -10.65 -9.89
N LEU F 155 -21.52 -10.39 -11.03
CA LEU F 155 -20.60 -9.27 -11.18
C LEU F 155 -21.09 -7.98 -10.62
N ASN F 156 -22.21 -7.48 -11.18
CA ASN F 156 -22.78 -6.22 -10.73
C ASN F 156 -23.73 -6.29 -9.53
N GLU F 157 -23.20 -6.84 -8.45
CA GLU F 157 -23.89 -6.99 -7.21
C GLU F 157 -22.92 -6.69 -6.09
N ILE F 158 -21.72 -6.31 -6.50
CA ILE F 158 -20.64 -5.98 -5.60
C ILE F 158 -20.56 -4.49 -5.24
N PRO F 159 -20.51 -4.22 -3.94
CA PRO F 159 -20.40 -2.88 -3.46
C PRO F 159 -19.01 -2.35 -3.74
N LYS F 160 -18.95 -1.28 -4.54
CA LYS F 160 -17.70 -0.61 -4.87
C LYS F 160 -17.38 0.36 -3.71
N PRO F 161 -16.10 0.50 -3.32
CA PRO F 161 -15.74 1.36 -2.19
C PRO F 161 -15.56 2.87 -2.52
N TYR F 162 -16.26 3.35 -3.53
CA TYR F 162 -16.15 4.73 -3.92
C TYR F 162 -17.24 5.07 -4.90
N LYS F 163 -17.30 6.33 -5.30
CA LYS F 163 -18.31 6.77 -6.26
C LYS F 163 -18.02 8.17 -6.77
N GLY F 164 -18.56 8.49 -7.95
CA GLY F 164 -18.34 9.80 -8.54
C GLY F 164 -16.85 10.11 -8.60
N VAL F 165 -16.22 9.60 -9.67
CA VAL F 165 -14.81 9.75 -9.89
C VAL F 165 -14.39 10.89 -10.81
N LYS F 166 -13.94 12.01 -10.22
CA LYS F 166 -13.50 13.14 -11.02
C LYS F 166 -12.04 12.96 -11.47
N VAL F 167 -11.66 13.61 -12.60
CA VAL F 167 -10.30 13.55 -13.16
C VAL F 167 -9.89 14.86 -13.85
N PHE F 168 -8.57 15.12 -13.91
CA PHE F 168 -8.04 16.31 -14.53
C PHE F 168 -6.60 16.14 -14.88
N LEU F 169 -6.11 16.97 -15.78
CA LEU F 169 -4.72 16.95 -16.21
C LEU F 169 -4.17 18.35 -16.03
N GLN F 170 -3.23 18.49 -15.14
CA GLN F 170 -2.64 19.78 -14.85
C GLN F 170 -1.15 19.68 -14.68
N ASP F 171 -0.46 20.77 -14.95
CA ASP F 171 0.98 20.83 -14.84
C ASP F 171 1.35 20.86 -13.38
N LYS F 172 2.30 20.04 -12.98
CA LYS F 172 2.77 19.98 -11.58
C LYS F 172 2.93 21.35 -10.97
N TRP F 173 3.89 22.16 -11.50
CA TRP F 173 4.17 23.51 -11.00
C TRP F 173 2.94 24.40 -10.83
N VAL F 174 2.01 24.29 -11.74
CA VAL F 174 0.83 25.11 -11.64
C VAL F 174 0.00 24.83 -10.40
N ILE F 175 -0.19 23.54 -10.07
CA ILE F 175 -0.98 23.15 -8.90
C ILE F 175 -0.17 23.01 -7.61
N ALA F 176 1.15 22.97 -7.72
CA ALA F 176 1.98 22.83 -6.54
C ALA F 176 1.63 23.87 -5.46
N GLY F 177 1.84 23.47 -4.22
CA GLY F 177 1.57 24.33 -3.09
C GLY F 177 2.87 24.88 -2.50
N ASP F 178 2.73 25.60 -1.35
CA ASP F 178 3.86 26.23 -0.66
C ASP F 178 4.28 25.53 0.60
N LEU F 179 3.42 24.65 1.10
CA LEU F 179 3.74 23.88 2.27
C LEU F 179 3.82 22.40 2.05
N ALA F 180 4.85 21.80 2.63
CA ALA F 180 5.14 20.40 2.54
C ALA F 180 4.00 19.49 3.03
N GLY F 181 4.25 18.19 2.89
CA GLY F 181 3.29 17.19 3.33
C GLY F 181 3.32 17.05 4.84
N SER F 182 2.18 16.61 5.39
CA SER F 182 1.90 16.39 6.82
C SER F 182 2.98 16.78 7.82
N THR F 186 9.38 14.28 3.18
CA THR F 186 9.80 15.39 2.39
C THR F 186 9.17 15.35 1.02
N ASN F 187 7.87 15.45 1.00
CA ASN F 187 7.08 15.46 -0.22
C ASN F 187 6.40 16.77 -0.38
N ILE F 188 6.42 17.28 -1.58
CA ILE F 188 5.80 18.54 -1.91
C ILE F 188 4.31 18.39 -1.72
N GLY F 189 3.64 19.42 -1.31
CA GLY F 189 2.22 19.30 -1.14
C GLY F 189 1.52 20.13 -2.20
N SER F 190 0.38 19.66 -2.69
CA SER F 190 -0.33 20.39 -3.68
C SER F 190 -1.20 21.47 -3.07
N ILE F 191 -1.68 22.42 -3.87
CA ILE F 191 -2.54 23.45 -3.32
C ILE F 191 -3.71 22.79 -2.68
N HIS F 192 -4.22 23.41 -1.60
CA HIS F 192 -5.37 22.88 -0.86
C HIS F 192 -6.65 23.56 -1.37
N ALA F 193 -7.05 23.26 -2.58
CA ALA F 193 -8.21 23.90 -3.13
C ALA F 193 -9.32 23.01 -3.59
N HIS F 194 -10.22 23.68 -4.30
CA HIS F 194 -11.42 23.07 -4.87
C HIS F 194 -11.08 22.45 -6.20
N TYR F 195 -11.71 21.32 -6.46
CA TYR F 195 -11.51 20.58 -7.70
C TYR F 195 -11.42 21.44 -8.95
N LYS F 196 -12.35 22.38 -9.11
CA LYS F 196 -12.30 23.23 -10.29
C LYS F 196 -11.06 24.08 -10.38
N ASP F 197 -10.44 24.30 -9.23
CA ASP F 197 -9.23 25.09 -9.14
C ASP F 197 -8.02 24.33 -9.68
N PHE F 198 -8.12 22.99 -9.65
CA PHE F 198 -7.06 22.10 -10.14
C PHE F 198 -7.12 21.97 -11.65
N VAL F 199 -8.34 21.97 -12.13
CA VAL F 199 -8.64 21.87 -13.52
C VAL F 199 -8.35 23.19 -14.23
N GLU F 200 -8.73 24.30 -13.56
CA GLU F 200 -8.54 25.65 -14.05
C GLU F 200 -7.13 26.11 -13.92
N GLY F 201 -6.41 25.44 -13.03
CA GLY F 201 -5.04 25.76 -12.79
C GLY F 201 -4.91 27.00 -12.01
N LYS F 202 -5.71 27.11 -10.95
CA LYS F 202 -5.70 28.26 -10.08
C LYS F 202 -4.70 28.00 -9.01
N GLY F 203 -3.43 28.38 -9.29
CA GLY F 203 -2.35 28.13 -8.36
C GLY F 203 -1.83 29.30 -7.58
N ILE F 204 -0.67 29.05 -7.01
CA ILE F 204 0.07 29.94 -6.19
C ILE F 204 1.30 30.44 -6.95
N PHE F 205 2.05 29.51 -7.48
CA PHE F 205 3.24 29.89 -8.18
C PHE F 205 2.98 30.80 -9.36
N ASP F 206 3.95 31.65 -9.71
CA ASP F 206 3.76 32.58 -10.82
C ASP F 206 4.47 32.14 -12.05
N SER F 207 5.31 31.17 -11.85
CA SER F 207 6.05 30.65 -12.95
C SER F 207 6.75 29.38 -12.51
N GLU F 208 7.10 28.54 -13.47
CA GLU F 208 7.79 27.31 -13.09
C GLU F 208 9.08 27.56 -12.37
N ASP F 209 9.78 28.61 -12.79
CA ASP F 209 11.03 28.95 -12.14
C ASP F 209 10.85 29.26 -10.66
N GLU F 210 9.70 29.82 -10.35
CA GLU F 210 9.43 30.14 -8.99
C GLU F 210 9.22 28.87 -8.23
N PHE F 211 8.36 28.01 -8.74
CA PHE F 211 8.08 26.75 -8.08
C PHE F 211 9.34 26.00 -7.76
N LEU F 212 10.19 25.84 -8.79
CA LEU F 212 11.45 25.13 -8.68
C LEU F 212 12.38 25.76 -7.67
N ASP F 213 12.45 27.09 -7.67
CA ASP F 213 13.33 27.80 -6.75
C ASP F 213 12.87 27.70 -5.31
N TYR F 214 11.57 27.76 -5.15
CA TYR F 214 10.96 27.65 -3.85
C TYR F 214 11.31 26.31 -3.18
N TRP F 215 11.06 25.23 -3.90
CA TRP F 215 11.29 23.92 -3.39
C TRP F 215 12.73 23.47 -3.36
N ARG F 216 13.53 23.98 -4.27
CA ARG F 216 14.92 23.61 -4.29
C ARG F 216 15.67 24.12 -3.04
N ASN F 217 15.20 25.26 -2.50
CA ASN F 217 15.77 25.93 -1.34
C ASN F 217 15.06 25.69 0.01
N TYR F 218 13.91 25.04 0.01
CA TYR F 218 13.13 24.77 1.23
C TYR F 218 13.82 23.82 2.21
N GLU F 219 13.99 24.24 3.50
CA GLU F 219 14.66 23.36 4.53
C GLU F 219 13.68 22.47 5.24
N TYR F 229 11.88 30.83 5.63
CA TYR F 229 10.59 30.91 4.96
C TYR F 229 9.84 29.63 5.04
N ASN F 230 8.52 29.75 5.11
CA ASN F 230 7.66 28.61 5.16
C ASN F 230 6.35 28.94 4.52
N ASN F 231 6.42 29.78 3.52
CA ASN F 231 5.27 30.15 2.78
C ASN F 231 5.65 30.95 1.57
N ILE F 232 4.79 30.95 0.55
CA ILE F 232 5.10 31.69 -0.67
C ILE F 232 5.49 33.12 -0.35
N SER F 233 4.68 33.72 0.54
CA SER F 233 4.85 35.08 1.01
C SER F 233 6.26 35.34 1.41
N GLU F 234 6.69 34.64 2.47
CA GLU F 234 8.05 34.78 3.01
C GLU F 234 9.17 34.44 2.02
N TYR F 235 8.92 33.49 1.15
CA TYR F 235 9.93 33.15 0.18
C TYR F 235 10.11 34.31 -0.75
N ARG F 236 8.97 34.90 -1.11
CA ARG F 236 8.95 36.03 -1.97
C ARG F 236 9.68 37.19 -1.39
N ASN F 237 9.56 37.36 -0.08
CA ASN F 237 10.28 38.47 0.48
C ASN F 237 11.71 38.09 0.74
N TRP F 238 11.90 36.87 1.24
CA TRP F 238 13.23 36.31 1.54
C TRP F 238 14.19 36.49 0.39
N ILE F 239 13.63 36.42 -0.79
CA ILE F 239 14.37 36.60 -1.97
C ILE F 239 15.26 37.85 -1.91
N TYR F 240 14.91 38.80 -1.03
CA TYR F 240 15.71 40.04 -0.84
C TYR F 240 15.40 40.81 0.43
#